data_4FE2
#
_entry.id   4FE2
#
_cell.length_a   46.074
_cell.length_b   65.021
_cell.length_c   86.052
_cell.angle_alpha   90.00
_cell.angle_beta   92.09
_cell.angle_gamma   90.00
#
_symmetry.space_group_name_H-M   'P 1 21 1'
#
loop_
_entity.id
_entity.type
_entity.pdbx_description
1 polymer 'Phosphoribosylaminoimidazole-succinocarboxamide synthase'
2 non-polymer '5-AMINOIMIDAZOLE RIBONUCLEOTIDE'
3 non-polymer "ADENOSINE-5'-DIPHOSPHATE"
4 non-polymer 'MAGNESIUM ION'
5 non-polymer TRIS-HYDROXYMETHYL-METHYL-AMMONIUM
6 non-polymer 'CHLORIDE ION'
7 non-polymer 'ASPARTIC ACID'
8 non-polymer 'ACETATE ION'
9 water water
#
_entity_poly.entity_id   1
_entity_poly.type   'polypeptide(L)'
_entity_poly.pdbx_seq_one_letter_code
;MGSSHHHHHHSSGLVPRGSHMSKQLIYSGKAKDIYTTEDENLIISTYKDQATAFNGVKKEQIAGKGVLNNQISSFIFEKL
NVAGVATHFVEKLSDTEQLNKKVKIIPLEVVLRNYTAGSFSKRFGVDEGIALETPIVEFYYKNDDLDDPFINDEHVKFLQ
IAGDQQIAYLKEETRRINELLKVWFAEIGLKLIDFKLEFGFDKDGKIILADEFSPDNCRLWDADGNHMDKDVFRRGLGEL
TDVYEIVWEKLQELK
;
_entity_poly.pdbx_strand_id   A,B
#
# COMPACT_ATOMS: atom_id res chain seq x y z
N LYS A 23 -8.60 33.89 -19.90
CA LYS A 23 -8.45 32.92 -21.04
C LYS A 23 -9.22 31.60 -20.78
N GLN A 24 -8.79 30.49 -21.37
CA GLN A 24 -9.60 29.26 -21.31
C GLN A 24 -9.40 28.49 -19.99
N LEU A 25 -10.49 27.95 -19.45
CA LEU A 25 -10.44 27.04 -18.32
C LEU A 25 -9.94 25.65 -18.76
N ILE A 26 -8.69 25.32 -18.45
CA ILE A 26 -8.11 24.02 -18.75
C ILE A 26 -8.71 22.90 -17.87
N TYR A 27 -8.80 23.17 -16.56
CA TYR A 27 -9.30 22.22 -15.56
C TYR A 27 -9.95 22.90 -14.36
N SER A 28 -11.07 22.32 -13.89
CA SER A 28 -11.82 22.86 -12.74
C SER A 28 -11.74 21.87 -11.57
N GLY A 29 -10.86 22.17 -10.62
CA GLY A 29 -10.56 21.24 -9.52
C GLY A 29 -11.45 21.41 -8.29
N LYS A 30 -11.16 20.66 -7.24
CA LYS A 30 -11.91 20.85 -6.02
C LYS A 30 -11.45 22.11 -5.33
N ALA A 31 -10.21 22.54 -5.60
CA ALA A 31 -9.64 23.68 -4.91
C ALA A 31 -9.17 24.80 -5.82
N LYS A 32 -8.79 24.48 -7.03
CA LYS A 32 -8.26 25.48 -7.93
C LYS A 32 -8.79 25.35 -9.36
N ASP A 33 -8.87 26.50 -10.03
CA ASP A 33 -9.17 26.53 -11.47
C ASP A 33 -7.87 26.90 -12.18
N ILE A 34 -7.62 26.22 -13.31
CA ILE A 34 -6.38 26.40 -14.07
C ILE A 34 -6.75 26.99 -15.44
N TYR A 35 -6.21 28.17 -15.76
CA TYR A 35 -6.50 28.87 -17.00
C TYR A 35 -5.24 28.95 -17.83
N THR A 36 -5.39 29.09 -19.13
CA THR A 36 -4.19 29.34 -19.92
C THR A 36 -3.75 30.82 -19.91
N THR A 37 -2.50 31.07 -20.30
CA THR A 37 -2.05 32.43 -20.59
C THR A 37 -1.86 32.54 -22.12
N GLU A 38 -1.25 33.63 -22.56
CA GLU A 38 -0.79 33.75 -23.94
C GLU A 38 0.53 33.01 -24.17
N ASP A 39 1.23 32.69 -23.11
CA ASP A 39 2.42 31.87 -23.21
C ASP A 39 2.02 30.40 -23.03
N GLU A 40 2.33 29.56 -24.02
CA GLU A 40 2.06 28.11 -24.00
C GLU A 40 2.46 27.40 -22.69
N ASN A 41 3.62 27.80 -22.17
CA ASN A 41 4.23 27.10 -21.07
C ASN A 41 3.79 27.60 -19.69
N LEU A 42 2.95 28.63 -19.68
CA LEU A 42 2.60 29.24 -18.44
C LEU A 42 1.10 29.11 -18.18
N ILE A 43 0.72 28.84 -16.94
CA ILE A 43 -0.71 28.89 -16.55
C ILE A 43 -0.97 29.87 -15.40
N ILE A 44 -2.23 30.26 -15.23
CA ILE A 44 -2.65 31.03 -14.08
C ILE A 44 -3.53 30.11 -13.29
N SER A 45 -3.13 29.90 -12.02
CA SER A 45 -3.88 29.16 -11.05
C SER A 45 -4.65 30.17 -10.18
N THR A 46 -5.96 29.89 -10.06
CA THR A 46 -6.98 30.65 -9.34
C THR A 46 -7.49 29.77 -8.22
N TYR A 47 -7.30 30.25 -6.99
CA TYR A 47 -7.62 29.48 -5.78
C TYR A 47 -9.04 29.71 -5.35
N LYS A 48 -9.82 28.65 -5.22
CA LYS A 48 -11.24 28.78 -4.91
C LYS A 48 -11.54 28.80 -3.41
N ASP A 49 -12.64 29.46 -3.04
CA ASP A 49 -13.19 29.40 -1.65
C ASP A 49 -13.98 28.13 -1.32
N GLN A 50 -13.60 27.02 -1.90
CA GLN A 50 -14.27 25.73 -1.69
C GLN A 50 -13.37 24.83 -0.85
N ALA A 51 -13.97 24.16 0.13
CA ALA A 51 -13.25 23.14 0.91
C ALA A 51 -13.96 21.80 0.78
N THR A 52 -13.20 20.74 0.59
CA THR A 52 -13.81 19.39 0.55
C THR A 52 -13.04 18.36 1.39
N ALA A 53 -13.76 17.36 1.91
CA ALA A 53 -13.13 16.26 2.63
C ALA A 53 -13.73 14.93 2.18
N PHE A 54 -13.04 13.83 2.47
CA PHE A 54 -13.54 12.45 2.22
C PHE A 54 -13.94 12.11 0.75
N ASN A 55 -13.29 12.73 -0.23
CA ASN A 55 -13.79 12.84 -1.63
C ASN A 55 -15.06 13.70 -1.67
N GLY A 56 -16.16 13.09 -1.22
CA GLY A 56 -17.35 13.82 -0.83
C GLY A 56 -18.00 12.96 0.26
N VAL A 57 -19.20 13.34 0.71
CA VAL A 57 -19.66 14.72 0.56
C VAL A 57 -18.76 15.44 1.56
N LYS A 58 -19.22 16.55 2.11
CA LYS A 58 -18.32 17.43 2.85
C LYS A 58 -17.62 18.27 1.79
N LYS A 59 -18.37 19.31 1.38
CA LYS A 59 -17.99 20.37 0.48
C LYS A 59 -18.74 21.61 1.01
N GLU A 60 -18.00 22.71 1.16
CA GLU A 60 -18.51 23.92 1.74
C GLU A 60 -17.75 25.09 1.12
N GLN A 61 -18.48 26.15 0.76
CA GLN A 61 -17.85 27.40 0.36
C GLN A 61 -17.40 28.16 1.64
N ILE A 62 -16.15 28.57 1.67
CA ILE A 62 -15.66 29.29 2.83
C ILE A 62 -15.00 30.60 2.41
N ALA A 63 -15.70 31.71 2.65
CA ALA A 63 -15.19 33.03 2.22
C ALA A 63 -13.74 33.27 2.65
N GLY A 64 -12.92 33.74 1.71
CA GLY A 64 -11.52 34.08 1.98
C GLY A 64 -10.53 32.92 2.14
N LYS A 65 -10.97 31.67 1.93
CA LYS A 65 -10.07 30.51 1.96
C LYS A 65 -9.10 30.47 0.77
N GLY A 66 -9.53 30.93 -0.38
CA GLY A 66 -8.69 30.99 -1.55
C GLY A 66 -7.60 32.01 -1.44
N VAL A 67 -7.90 33.23 -0.97
CA VAL A 67 -6.82 34.18 -0.75
C VAL A 67 -5.77 33.64 0.24
N LEU A 68 -6.22 33.17 1.41
CA LEU A 68 -5.27 32.58 2.38
C LEU A 68 -4.38 31.51 1.79
N ASN A 69 -5.00 30.52 1.11
CA ASN A 69 -4.23 29.44 0.48
C ASN A 69 -3.27 29.92 -0.60
N ASN A 70 -3.68 30.92 -1.39
CA ASN A 70 -2.83 31.52 -2.44
C ASN A 70 -1.63 32.27 -1.86
N GLN A 71 -1.90 33.06 -0.81
CA GLN A 71 -0.83 33.68 -0.03
C GLN A 71 0.18 32.69 0.58
N ILE A 72 -0.34 31.69 1.28
CA ILE A 72 0.50 30.71 1.94
C ILE A 72 1.32 29.93 0.90
N SER A 73 0.68 29.47 -0.16
CA SER A 73 1.43 28.75 -1.19
C SER A 73 2.48 29.56 -1.93
N SER A 74 2.13 30.82 -2.28
CA SER A 74 3.02 31.73 -2.97
C SER A 74 4.23 32.03 -2.11
N PHE A 75 3.99 32.26 -0.80
CA PHE A 75 5.06 32.39 0.21
C PHE A 75 5.99 31.19 0.30
N ILE A 76 5.47 29.96 0.47
CA ILE A 76 6.32 28.76 0.60
C ILE A 76 7.12 28.48 -0.66
N PHE A 77 6.45 28.55 -1.81
CA PHE A 77 7.15 28.31 -3.08
C PHE A 77 8.25 29.32 -3.31
N GLU A 78 7.96 30.62 -3.11
CA GLU A 78 9.04 31.59 -3.17
C GLU A 78 10.25 31.14 -2.34
N LYS A 79 10.06 30.85 -1.04
CA LYS A 79 11.17 30.32 -0.23
C LYS A 79 11.84 29.08 -0.81
N LEU A 80 11.05 28.12 -1.32
CA LEU A 80 11.58 26.89 -2.01
C LEU A 80 12.40 27.28 -3.20
N ASN A 81 11.89 28.19 -4.03
CA ASN A 81 12.69 28.70 -5.12
C ASN A 81 14.03 29.24 -4.63
N VAL A 82 14.01 29.98 -3.52
CA VAL A 82 15.21 30.62 -3.01
C VAL A 82 16.22 29.56 -2.45
N ALA A 83 15.69 28.55 -1.75
CA ALA A 83 16.51 27.44 -1.34
C ALA A 83 17.01 26.53 -2.49
N GLY A 84 16.70 26.86 -3.76
CA GLY A 84 17.15 26.00 -4.87
C GLY A 84 16.29 24.81 -5.30
N VAL A 85 15.02 24.78 -4.87
CA VAL A 85 14.10 23.73 -5.29
C VAL A 85 13.46 24.10 -6.62
N ALA A 86 13.40 23.16 -7.55
CA ALA A 86 12.86 23.48 -8.83
C ALA A 86 11.35 23.41 -8.63
N THR A 87 10.64 24.49 -8.90
CA THR A 87 9.17 24.50 -8.73
C THR A 87 8.44 25.16 -9.91
N HIS A 88 7.09 25.15 -9.89
CA HIS A 88 6.33 25.76 -10.97
C HIS A 88 6.07 27.21 -10.70
N PHE A 89 6.56 27.72 -9.57
CA PHE A 89 6.13 29.03 -9.13
C PHE A 89 6.84 30.14 -9.86
N VAL A 90 6.09 31.12 -10.38
CA VAL A 90 6.77 32.28 -11.00
C VAL A 90 6.49 33.59 -10.24
N GLU A 91 5.23 33.81 -9.85
CA GLU A 91 4.79 34.99 -9.10
C GLU A 91 3.34 34.86 -8.66
N LYS A 92 3.03 35.54 -7.56
CA LYS A 92 1.65 35.77 -7.14
C LYS A 92 1.20 36.99 -7.96
N LEU A 93 -0.08 37.02 -8.29
CA LEU A 93 -0.56 37.86 -9.35
C LEU A 93 -1.73 38.71 -8.85
N SER A 94 -2.67 38.08 -8.12
CA SER A 94 -3.67 38.80 -7.37
C SER A 94 -3.96 38.12 -6.02
N ASP A 95 -5.07 38.50 -5.39
CA ASP A 95 -5.59 37.83 -4.16
C ASP A 95 -5.75 36.34 -4.30
N THR A 96 -6.23 35.97 -5.46
CA THR A 96 -6.80 34.68 -5.79
C THR A 96 -5.85 33.94 -6.79
N GLU A 97 -5.11 34.70 -7.58
CA GLU A 97 -4.38 34.06 -8.67
C GLU A 97 -2.87 34.09 -8.49
N GLN A 98 -2.23 33.10 -9.13
CA GLN A 98 -0.76 33.04 -9.25
C GLN A 98 -0.34 32.52 -10.60
N LEU A 99 0.84 32.88 -11.03
CA LEU A 99 1.32 32.54 -12.34
C LEU A 99 2.30 31.37 -12.16
N ASN A 100 2.06 30.29 -12.89
CA ASN A 100 2.75 29.03 -12.68
C ASN A 100 3.32 28.49 -13.96
N LYS A 101 4.41 27.73 -13.86
CA LYS A 101 4.84 26.97 -15.01
C LYS A 101 3.88 25.83 -15.23
N LYS A 102 3.47 25.66 -16.49
CA LYS A 102 2.64 24.55 -16.93
C LYS A 102 3.43 23.25 -16.96
N VAL A 103 3.01 22.26 -16.19
CA VAL A 103 3.70 20.95 -16.19
C VAL A 103 2.68 19.91 -16.66
N LYS A 104 3.18 18.80 -17.12
CA LYS A 104 2.34 17.63 -17.28
C LYS A 104 2.44 16.94 -15.91
N ILE A 105 1.35 16.94 -15.14
CA ILE A 105 1.28 16.35 -13.79
C ILE A 105 1.63 14.84 -13.75
N ILE A 106 2.47 14.46 -12.79
CA ILE A 106 2.72 13.04 -12.52
C ILE A 106 1.58 12.62 -11.59
N PRO A 107 0.68 11.72 -12.03
CA PRO A 107 -0.53 11.56 -11.22
C PRO A 107 -0.25 10.67 -9.99
N LEU A 108 0.61 11.19 -9.12
CA LEU A 108 0.90 10.67 -7.80
C LEU A 108 0.67 11.78 -6.74
N GLU A 109 -0.04 11.49 -5.66
CA GLU A 109 0.12 12.29 -4.48
C GLU A 109 1.22 11.68 -3.69
N VAL A 110 2.29 12.46 -3.44
CA VAL A 110 3.46 11.95 -2.74
C VAL A 110 3.34 12.50 -1.35
N VAL A 111 3.19 11.59 -0.40
CA VAL A 111 2.90 11.94 0.96
C VAL A 111 4.14 11.64 1.82
N LEU A 112 4.51 12.63 2.64
CA LEU A 112 5.57 12.43 3.60
C LEU A 112 5.00 12.63 5.00
N ARG A 113 5.34 11.70 5.90
CA ARG A 113 4.96 11.84 7.33
C ARG A 113 6.18 12.01 8.22
N ASN A 114 6.12 12.96 9.15
CA ASN A 114 7.11 13.06 10.21
C ASN A 114 6.60 12.50 11.50
N TYR A 115 5.28 12.48 11.62
CA TYR A 115 4.54 12.12 12.80
C TYR A 115 3.37 11.24 12.37
N THR A 116 2.93 10.36 13.24
CA THR A 116 1.75 9.54 12.91
C THR A 116 0.53 10.46 12.94
N ALA A 117 -0.43 10.25 12.02
CA ALA A 117 -1.68 11.01 11.94
C ALA A 117 -2.61 10.37 10.90
N GLY A 118 -3.90 10.64 11.01
CA GLY A 118 -4.90 10.30 9.97
C GLY A 118 -4.95 8.86 9.51
N SER A 119 -4.83 8.68 8.21
CA SER A 119 -4.95 7.35 7.65
C SER A 119 -3.72 6.45 7.94
N PHE A 120 -2.60 7.01 8.41
CA PHE A 120 -1.51 6.17 8.93
C PHE A 120 -1.86 5.64 10.34
N SER A 121 -2.32 6.52 11.22
CA SER A 121 -2.90 6.06 12.47
C SER A 121 -4.00 5.03 12.29
N LYS A 122 -4.82 5.15 11.24
CA LYS A 122 -5.83 4.12 10.96
C LYS A 122 -5.24 2.80 10.41
N ARG A 123 -4.30 2.88 9.47
CA ARG A 123 -3.69 1.66 8.90
C ARG A 123 -2.97 0.83 9.98
N PHE A 124 -2.36 1.53 10.92
CA PHE A 124 -1.55 0.82 11.92
C PHE A 124 -2.15 0.79 13.36
N GLY A 125 -3.40 1.25 13.53
CA GLY A 125 -4.05 1.27 14.84
C GLY A 125 -3.22 1.98 15.91
N VAL A 126 -2.70 3.15 15.58
CA VAL A 126 -1.84 3.84 16.50
C VAL A 126 -2.27 5.29 16.68
N ASP A 127 -2.10 5.82 17.89
CA ASP A 127 -2.46 7.21 18.16
C ASP A 127 -1.85 8.14 17.15
N GLU A 128 -2.54 9.24 16.88
CA GLU A 128 -1.86 10.41 16.28
C GLU A 128 -0.80 11.09 17.17
N GLY A 129 0.21 11.73 16.56
CA GLY A 129 1.28 12.46 17.30
C GLY A 129 2.49 11.68 17.78
N ILE A 130 2.71 10.47 17.30
CA ILE A 130 3.95 9.75 17.64
C ILE A 130 5.02 10.09 16.58
N ALA A 131 6.18 10.59 17.02
CA ALA A 131 7.22 10.97 16.11
C ALA A 131 7.70 9.75 15.34
N LEU A 132 8.04 9.90 14.07
CA LEU A 132 8.59 8.76 13.33
C LEU A 132 10.09 8.92 13.23
N GLU A 133 10.86 8.01 13.79
CA GLU A 133 12.31 8.24 13.73
C GLU A 133 12.89 8.53 12.33
N THR A 134 12.38 7.86 11.30
CA THR A 134 12.65 8.21 9.90
C THR A 134 11.31 8.59 9.27
N PRO A 135 11.29 9.69 8.52
CA PRO A 135 10.09 10.11 7.81
C PRO A 135 9.76 9.02 6.78
N ILE A 136 8.47 8.69 6.65
CA ILE A 136 8.00 7.69 5.71
C ILE A 136 7.40 8.39 4.51
N VAL A 137 7.74 7.96 3.29
CA VAL A 137 6.99 8.46 2.15
C VAL A 137 6.04 7.43 1.60
N GLU A 138 4.84 7.89 1.26
CA GLU A 138 3.85 6.98 0.64
C GLU A 138 3.36 7.53 -0.68
N PHE A 139 3.19 6.64 -1.65
CA PHE A 139 2.56 7.04 -2.91
C PHE A 139 1.06 6.75 -2.98
N TYR A 140 0.28 7.71 -3.42
CA TYR A 140 -1.14 7.48 -3.76
C TYR A 140 -1.43 7.83 -5.23
N TYR A 141 -2.11 6.96 -5.96
CA TYR A 141 -2.43 7.21 -7.35
C TYR A 141 -3.49 8.28 -7.46
N LYS A 142 -3.14 9.39 -8.09
CA LYS A 142 -4.06 10.50 -8.22
C LYS A 142 -5.17 10.21 -9.28
N ASN A 143 -6.25 9.58 -8.80
CA ASN A 143 -7.40 9.18 -9.61
C ASN A 143 -8.59 9.18 -8.69
N ASP A 144 -9.38 10.24 -8.78
CA ASP A 144 -10.57 10.45 -7.94
C ASP A 144 -11.62 9.35 -8.10
N ASP A 145 -11.67 8.73 -9.27
CA ASP A 145 -12.64 7.69 -9.55
C ASP A 145 -12.33 6.43 -8.75
N LEU A 146 -11.03 6.25 -8.45
CA LEU A 146 -10.52 5.17 -7.62
C LEU A 146 -10.36 5.61 -6.14
N ASP A 147 -10.72 6.86 -5.82
CA ASP A 147 -10.47 7.44 -4.48
C ASP A 147 -8.98 7.46 -4.11
N ASP A 148 -8.13 7.72 -5.11
CA ASP A 148 -6.68 7.93 -4.87
C ASP A 148 -6.12 6.83 -4.00
N PRO A 149 -6.17 5.58 -4.46
CA PRO A 149 -5.72 4.49 -3.58
C PRO A 149 -4.23 4.58 -3.25
N PHE A 150 -3.87 4.15 -2.04
CA PHE A 150 -2.47 3.86 -1.65
C PHE A 150 -1.85 2.82 -2.60
N ILE A 151 -0.60 3.05 -3.05
CA ILE A 151 0.02 2.17 -4.00
C ILE A 151 1.50 2.06 -3.66
N ASN A 152 2.14 0.99 -4.17
CA ASN A 152 3.57 0.75 -4.03
C ASN A 152 4.30 0.99 -5.30
N ASP A 153 5.64 0.99 -5.22
CA ASP A 153 6.48 1.22 -6.38
C ASP A 153 6.18 0.34 -7.60
N GLU A 154 5.99 -0.96 -7.39
CA GLU A 154 5.66 -1.80 -8.51
C GLU A 154 4.34 -1.36 -9.14
N HIS A 155 3.40 -0.82 -8.34
CA HIS A 155 2.15 -0.31 -8.88
C HIS A 155 2.41 0.93 -9.73
N VAL A 156 3.37 1.75 -9.31
CA VAL A 156 3.71 2.95 -10.08
C VAL A 156 4.10 2.55 -11.52
N LYS A 157 4.96 1.51 -11.59
CA LYS A 157 5.51 0.98 -12.85
C LYS A 157 4.39 0.36 -13.71
N PHE A 158 3.55 -0.45 -13.06
CA PHE A 158 2.42 -1.07 -13.67
C PHE A 158 1.57 0.00 -14.36
N LEU A 159 1.31 1.07 -13.63
CA LEU A 159 0.50 2.15 -14.13
C LEU A 159 1.24 2.98 -15.21
N GLN A 160 2.54 2.70 -15.40
CA GLN A 160 3.40 3.38 -16.40
C GLN A 160 3.56 4.87 -16.07
N ILE A 161 3.48 5.20 -14.77
CA ILE A 161 3.52 6.56 -14.29
C ILE A 161 5.00 7.06 -14.29
N ALA A 162 5.95 6.19 -13.91
CA ALA A 162 7.36 6.56 -13.75
C ALA A 162 8.21 5.31 -13.60
N GLY A 163 9.52 5.44 -13.87
CA GLY A 163 10.43 4.27 -13.76
C GLY A 163 11.21 4.35 -12.46
N ASP A 164 12.12 3.39 -12.25
CA ASP A 164 12.92 3.28 -11.03
C ASP A 164 13.67 4.55 -10.56
N GLN A 165 14.35 5.21 -11.50
CA GLN A 165 15.16 6.38 -11.25
C GLN A 165 14.29 7.58 -10.85
N GLN A 166 13.21 7.76 -11.61
CA GLN A 166 12.29 8.86 -11.36
C GLN A 166 11.60 8.72 -10.00
N ILE A 167 11.21 7.49 -9.67
CA ILE A 167 10.60 7.12 -8.39
C ILE A 167 11.58 7.49 -7.27
N ALA A 168 12.85 7.15 -7.44
CA ALA A 168 13.89 7.43 -6.47
C ALA A 168 14.03 8.94 -6.35
N TYR A 169 14.06 9.61 -7.49
CA TYR A 169 14.10 11.06 -7.53
C TYR A 169 12.93 11.70 -6.74
N LEU A 170 11.70 11.21 -6.96
CA LEU A 170 10.54 11.79 -6.29
C LEU A 170 10.68 11.69 -4.75
N LYS A 171 11.21 10.55 -4.29
CA LYS A 171 11.43 10.29 -2.88
C LYS A 171 12.45 11.26 -2.27
N GLU A 172 13.63 11.30 -2.90
CA GLU A 172 14.75 12.03 -2.38
C GLU A 172 14.43 13.54 -2.40
N GLU A 173 13.65 14.01 -3.39
CA GLU A 173 13.31 15.45 -3.51
C GLU A 173 12.26 15.89 -2.45
N THR A 174 11.28 15.01 -2.23
CA THR A 174 10.26 15.18 -1.18
C THR A 174 10.91 15.25 0.19
N ARG A 175 11.89 14.39 0.41
CA ARG A 175 12.66 14.40 1.65
C ARG A 175 13.44 15.69 1.90
N ARG A 176 14.09 16.16 0.84
CA ARG A 176 14.91 17.39 0.92
C ARG A 176 14.02 18.61 1.14
N ILE A 177 12.81 18.51 0.60
CA ILE A 177 11.85 19.57 0.74
C ILE A 177 11.35 19.54 2.18
N ASN A 178 11.14 18.34 2.73
CA ASN A 178 10.69 18.17 4.13
C ASN A 178 11.68 18.80 5.10
N GLU A 179 12.99 18.54 4.87
CA GLU A 179 14.08 19.19 5.63
C GLU A 179 14.01 20.71 5.76
N LEU A 180 13.68 21.37 4.66
CA LEU A 180 13.52 22.80 4.61
C LEU A 180 12.30 23.15 5.41
N LEU A 181 11.16 22.56 5.06
CA LEU A 181 9.84 23.02 5.55
C LEU A 181 9.69 22.82 7.02
N LYS A 182 10.31 21.75 7.52
CA LYS A 182 10.11 21.30 8.87
C LYS A 182 10.77 22.31 9.79
N VAL A 183 11.98 22.73 9.41
CA VAL A 183 12.73 23.81 10.07
C VAL A 183 11.96 25.14 10.01
N TRP A 184 11.53 25.56 8.81
CA TRP A 184 10.80 26.83 8.72
C TRP A 184 9.61 26.92 9.62
N PHE A 185 8.79 25.86 9.67
CA PHE A 185 7.58 25.83 10.48
C PHE A 185 7.99 25.75 11.93
N ALA A 186 9.05 24.99 12.19
CA ALA A 186 9.58 24.93 13.56
C ALA A 186 9.91 26.34 14.06
N GLU A 187 10.61 27.10 13.21
CA GLU A 187 11.00 28.43 13.59
C GLU A 187 9.87 29.37 13.92
N ILE A 188 8.65 29.01 13.52
CA ILE A 188 7.49 29.82 13.88
C ILE A 188 6.57 29.04 14.83
N GLY A 189 7.09 27.91 15.34
CA GLY A 189 6.39 27.13 16.33
C GLY A 189 5.33 26.17 15.90
N LEU A 190 5.41 25.67 14.66
CA LEU A 190 4.44 24.66 14.26
C LEU A 190 5.15 23.38 13.91
N LYS A 191 4.55 22.28 14.34
CA LYS A 191 5.14 20.98 14.08
C LYS A 191 4.60 20.50 12.76
N LEU A 192 5.49 20.29 11.79
CA LEU A 192 5.10 19.76 10.48
C LEU A 192 4.98 18.22 10.57
N ILE A 193 3.72 17.78 10.77
CA ILE A 193 3.31 16.38 10.97
C ILE A 193 3.47 15.55 9.69
N ASP A 194 2.97 16.08 8.60
CA ASP A 194 2.86 15.31 7.37
C ASP A 194 2.53 16.29 6.24
N PHE A 195 2.65 15.83 5.01
CA PHE A 195 2.15 16.64 3.92
C PHE A 195 2.03 15.88 2.60
N LYS A 196 1.55 16.59 1.59
CA LYS A 196 1.26 15.95 0.31
C LYS A 196 1.72 16.89 -0.74
N LEU A 197 2.57 16.33 -1.59
CA LEU A 197 3.15 17.03 -2.75
C LEU A 197 2.62 16.54 -4.10
N GLU A 198 2.62 17.39 -5.12
CA GLU A 198 2.54 16.84 -6.48
C GLU A 198 3.63 17.42 -7.36
N PHE A 199 4.13 16.61 -8.28
CA PHE A 199 5.15 17.02 -9.24
C PHE A 199 4.67 16.76 -10.66
N GLY A 200 5.37 17.35 -11.63
CA GLY A 200 5.00 17.38 -13.03
C GLY A 200 6.21 17.61 -13.94
N PHE A 201 6.05 17.11 -15.14
CA PHE A 201 7.04 17.29 -16.16
C PHE A 201 6.94 18.72 -16.73
N ASP A 202 8.01 19.52 -16.60
CA ASP A 202 8.03 20.83 -17.29
C ASP A 202 8.15 20.69 -18.84
N LYS A 203 8.21 21.83 -19.50
CA LYS A 203 8.24 21.88 -20.95
C LYS A 203 9.54 21.33 -21.48
N ASP A 204 10.61 21.33 -20.68
CA ASP A 204 11.90 20.69 -21.06
C ASP A 204 12.06 19.29 -20.43
N GLY A 205 10.96 18.70 -19.94
CA GLY A 205 11.00 17.33 -19.43
C GLY A 205 11.77 17.13 -18.11
N LYS A 206 11.90 18.19 -17.32
CA LYS A 206 12.47 18.05 -16.01
C LYS A 206 11.30 17.92 -15.04
N ILE A 207 11.46 17.10 -14.00
CA ILE A 207 10.50 17.05 -12.91
C ILE A 207 10.71 18.29 -12.04
N ILE A 208 9.59 18.96 -11.67
CA ILE A 208 9.65 20.16 -10.79
C ILE A 208 8.46 20.01 -9.88
N LEU A 209 8.49 20.68 -8.73
CA LEU A 209 7.38 20.72 -7.80
C LEU A 209 6.26 21.66 -8.26
N ALA A 210 5.02 21.27 -8.02
CA ALA A 210 3.96 22.05 -8.60
C ALA A 210 2.80 21.95 -7.67
N ASP A 211 1.56 22.11 -8.17
CA ASP A 211 0.37 22.13 -7.38
C ASP A 211 0.43 23.23 -6.35
N GLU A 212 0.39 22.89 -5.08
CA GLU A 212 0.24 23.87 -4.03
C GLU A 212 0.78 23.37 -2.71
N PHE A 213 1.25 24.28 -1.89
CA PHE A 213 1.54 23.87 -0.54
C PHE A 213 0.78 24.77 0.41
N SER A 214 -0.38 24.28 0.84
CA SER A 214 -1.18 25.08 1.78
C SER A 214 -1.57 24.26 3.01
N PRO A 215 -2.28 24.87 3.99
CA PRO A 215 -2.76 23.99 5.08
C PRO A 215 -3.83 22.98 4.60
N ASP A 216 -4.29 23.13 3.37
CA ASP A 216 -5.11 22.13 2.68
C ASP A 216 -4.45 20.74 2.57
N ASN A 217 -3.12 20.70 2.42
CA ASN A 217 -2.40 19.47 2.11
C ASN A 217 -1.14 19.26 2.96
N CYS A 218 -1.24 19.67 4.22
CA CYS A 218 -0.23 19.43 5.23
C CYS A 218 -0.95 19.34 6.58
N ARG A 219 -0.28 18.73 7.55
CA ARG A 219 -0.80 18.82 8.92
C ARG A 219 0.18 19.68 9.71
N LEU A 220 -0.40 20.61 10.49
CA LEU A 220 0.36 21.55 11.37
C LEU A 220 -0.29 21.59 12.77
N TRP A 221 0.52 21.19 13.74
CA TRP A 221 0.11 21.30 15.13
C TRP A 221 0.94 22.34 15.78
N ASP A 222 0.29 23.09 16.66
CA ASP A 222 1.09 23.91 17.56
C ASP A 222 1.52 23.02 18.75
N ALA A 223 2.32 23.61 19.64
CA ALA A 223 2.88 22.93 20.77
C ALA A 223 1.79 22.47 21.74
N ASP A 224 0.62 23.08 21.72
CA ASP A 224 -0.51 22.54 22.53
C ASP A 224 -1.32 21.48 21.81
N GLY A 225 -0.87 21.12 20.61
CA GLY A 225 -1.57 20.10 19.83
C GLY A 225 -2.79 20.59 19.08
N ASN A 226 -3.02 21.89 19.03
CA ASN A 226 -4.10 22.48 18.20
C ASN A 226 -3.84 22.24 16.70
N HIS A 227 -4.91 21.90 15.96
CA HIS A 227 -4.85 21.63 14.52
C HIS A 227 -4.92 22.90 13.77
N MET A 228 -3.78 23.28 13.16
CA MET A 228 -3.68 24.54 12.42
C MET A 228 -3.72 24.29 10.89
N ASP A 229 -4.76 23.60 10.41
CA ASP A 229 -4.80 23.03 9.05
C ASP A 229 -6.22 22.53 8.74
N LYS A 230 -6.38 21.84 7.60
CA LYS A 230 -7.72 21.38 7.16
C LYS A 230 -8.42 20.37 8.09
N ASP A 231 -7.67 19.71 8.99
CA ASP A 231 -8.34 18.90 10.02
C ASP A 231 -9.43 19.68 10.77
N VAL A 232 -9.22 20.97 10.95
CA VAL A 232 -10.23 21.80 11.60
C VAL A 232 -11.59 21.66 10.88
N PHE A 233 -11.56 21.56 9.54
CA PHE A 233 -12.76 21.38 8.69
C PHE A 233 -13.21 19.91 8.63
N ARG A 234 -12.25 19.01 8.46
CA ARG A 234 -12.52 17.55 8.37
C ARG A 234 -13.23 17.03 9.63
N ARG A 235 -12.86 17.61 10.78
CA ARG A 235 -13.29 17.16 12.08
C ARG A 235 -14.22 18.20 12.73
N GLY A 236 -14.52 19.29 12.02
CA GLY A 236 -15.36 20.35 12.57
C GLY A 236 -14.87 20.89 13.91
N LEU A 237 -13.61 21.34 13.97
CA LEU A 237 -13.01 21.82 15.21
C LEU A 237 -13.16 23.31 15.46
N GLY A 238 -13.51 24.05 14.42
CA GLY A 238 -13.67 25.48 14.52
C GLY A 238 -13.72 26.05 13.12
N GLU A 239 -13.50 27.34 13.02
CA GLU A 239 -13.57 28.03 11.73
C GLU A 239 -12.22 27.92 10.98
N LEU A 240 -12.28 27.46 9.74
CA LEU A 240 -11.09 27.12 8.95
C LEU A 240 -10.17 28.32 8.72
N THR A 241 -10.77 29.46 8.37
CA THR A 241 -9.99 30.65 8.02
C THR A 241 -9.31 31.34 9.24
N ASP A 242 -9.85 31.15 10.44
CA ASP A 242 -9.22 31.69 11.66
C ASP A 242 -7.85 31.08 11.80
N VAL A 243 -7.79 29.78 11.66
CA VAL A 243 -6.57 29.07 11.92
C VAL A 243 -5.60 29.19 10.74
N TYR A 244 -6.12 29.15 9.50
CA TYR A 244 -5.31 29.45 8.31
C TYR A 244 -4.69 30.86 8.43
N GLU A 245 -5.49 31.83 8.89
CA GLU A 245 -5.03 33.21 9.11
C GLU A 245 -3.86 33.27 10.09
N ILE A 246 -3.93 32.43 11.13
CA ILE A 246 -2.89 32.37 12.17
C ILE A 246 -1.62 31.87 11.51
N VAL A 247 -1.71 30.74 10.77
CA VAL A 247 -0.55 30.26 10.02
C VAL A 247 0.05 31.37 9.11
N TRP A 248 -0.83 32.11 8.41
CA TRP A 248 -0.36 33.18 7.54
C TRP A 248 0.41 34.23 8.30
N GLU A 249 -0.16 34.69 9.41
CA GLU A 249 0.48 35.67 10.28
C GLU A 249 1.85 35.18 10.77
N LYS A 250 1.90 33.95 11.28
CA LYS A 250 3.14 33.36 11.73
C LYS A 250 4.18 33.32 10.62
N LEU A 251 3.73 32.95 9.41
CA LEU A 251 4.64 32.78 8.25
C LEU A 251 5.37 34.08 7.88
N GLN A 252 4.71 35.21 8.05
CA GLN A 252 5.30 36.51 7.72
C GLN A 252 6.39 36.97 8.69
N GLU A 253 6.63 36.18 9.74
CA GLU A 253 7.66 36.51 10.71
C GLU A 253 8.94 35.78 10.33
N LEU A 254 8.84 34.96 9.29
CA LEU A 254 10.00 34.32 8.69
C LEU A 254 10.85 35.18 7.80
N LYS A 255 12.14 35.01 8.05
CA LYS A 255 13.29 35.23 7.16
C LYS A 255 14.47 35.31 8.12
N MET B 21 3.90 -34.90 27.51
CA MET B 21 4.82 -33.71 27.41
C MET B 21 5.44 -33.54 26.01
N SER B 22 4.88 -34.26 25.04
CA SER B 22 5.33 -34.29 23.64
C SER B 22 4.51 -33.46 22.68
N LYS B 23 3.25 -33.15 23.03
CA LYS B 23 2.22 -32.72 22.08
C LYS B 23 1.29 -31.57 22.52
N GLN B 24 1.84 -30.38 22.70
CA GLN B 24 1.06 -29.26 23.22
C GLN B 24 0.57 -28.26 22.14
N LEU B 25 -0.70 -27.86 22.20
CA LEU B 25 -1.27 -26.89 21.27
C LEU B 25 -0.66 -25.49 21.41
N ILE B 26 0.40 -25.22 20.64
CA ILE B 26 1.00 -23.91 20.62
C ILE B 26 0.04 -22.87 20.09
N TYR B 27 -0.74 -23.20 19.06
CA TYR B 27 -1.58 -22.20 18.41
C TYR B 27 -2.75 -22.71 17.61
N SER B 28 -3.86 -22.00 17.73
CA SER B 28 -5.08 -22.32 16.99
C SER B 28 -5.40 -21.21 15.98
N GLY B 29 -5.31 -21.56 14.69
CA GLY B 29 -5.57 -20.62 13.58
C GLY B 29 -6.94 -20.77 12.91
N LYS B 30 -7.12 -20.15 11.75
CA LYS B 30 -8.40 -20.25 11.07
C LYS B 30 -8.46 -21.55 10.26
N ALA B 31 -7.30 -22.11 9.96
CA ALA B 31 -7.26 -23.30 9.10
C ALA B 31 -6.33 -24.38 9.60
N LYS B 32 -5.40 -24.04 10.49
CA LYS B 32 -4.49 -25.03 11.08
C LYS B 32 -4.30 -24.83 12.57
N ASP B 33 -4.15 -25.93 13.30
CA ASP B 33 -3.68 -25.87 14.68
C ASP B 33 -2.20 -26.28 14.64
N ILE B 34 -1.35 -25.71 15.48
CA ILE B 34 0.04 -26.18 15.48
C ILE B 34 0.51 -26.66 16.86
N TYR B 35 1.20 -27.81 16.87
CA TYR B 35 1.55 -28.50 18.09
C TYR B 35 3.05 -28.73 18.19
N THR B 36 3.56 -28.81 19.42
CA THR B 36 4.96 -29.16 19.67
C THR B 36 5.26 -30.60 19.30
N THR B 37 6.53 -30.88 19.01
CA THR B 37 7.00 -32.24 19.09
C THR B 37 7.87 -32.37 20.34
N GLU B 38 8.58 -33.46 20.47
CA GLU B 38 9.64 -33.57 21.46
C GLU B 38 10.90 -32.86 20.98
N ASP B 39 11.01 -32.65 19.67
CA ASP B 39 12.11 -31.89 19.11
C ASP B 39 11.79 -30.38 19.08
N GLU B 40 12.50 -29.61 19.90
CA GLU B 40 12.31 -28.16 19.97
C GLU B 40 12.00 -27.47 18.60
N ASN B 41 12.78 -27.84 17.58
CA ASN B 41 12.79 -27.18 16.32
C ASN B 41 11.72 -27.65 15.36
N LEU B 42 10.92 -28.62 15.79
CA LEU B 42 9.97 -29.21 14.87
C LEU B 42 8.58 -29.03 15.40
N ILE B 43 7.61 -28.94 14.48
CA ILE B 43 6.20 -28.65 14.77
C ILE B 43 5.30 -29.58 13.92
N ILE B 44 4.13 -29.99 14.44
CA ILE B 44 3.12 -30.73 13.65
C ILE B 44 1.99 -29.76 13.42
N SER B 45 1.63 -29.60 12.13
CA SER B 45 0.57 -28.75 11.68
C SER B 45 -0.56 -29.69 11.28
N THR B 46 -1.76 -29.35 11.75
CA THR B 46 -2.96 -30.16 11.73
C THR B 46 -4.01 -29.33 11.00
N TYR B 47 -4.37 -29.76 9.80
CA TYR B 47 -5.21 -28.95 8.93
C TYR B 47 -6.66 -29.23 9.28
N LYS B 48 -7.50 -28.19 9.30
CA LYS B 48 -8.88 -28.29 9.82
C LYS B 48 -9.96 -28.15 8.76
N ASP B 49 -11.14 -28.69 9.07
CA ASP B 49 -12.32 -28.61 8.21
C ASP B 49 -13.09 -27.31 8.37
N GLN B 50 -12.33 -26.22 8.38
CA GLN B 50 -12.88 -24.90 8.61
C GLN B 50 -12.52 -23.94 7.48
N ALA B 51 -13.54 -23.26 6.97
CA ALA B 51 -13.30 -22.19 6.00
C ALA B 51 -13.77 -20.83 6.53
N THR B 52 -12.95 -19.79 6.27
CA THR B 52 -13.36 -18.39 6.58
C THR B 52 -13.25 -17.39 5.42
N ALA B 53 -14.02 -16.31 5.48
CA ALA B 53 -13.98 -15.24 4.47
C ALA B 53 -14.38 -13.90 5.08
N PHE B 54 -13.77 -12.83 4.58
CA PHE B 54 -13.92 -11.48 5.15
C PHE B 54 -13.52 -11.41 6.64
N ASN B 55 -12.22 -11.58 6.90
CA ASN B 55 -11.63 -11.74 8.26
C ASN B 55 -12.59 -12.18 9.38
N GLY B 56 -13.26 -13.31 9.18
CA GLY B 56 -14.08 -13.93 10.24
C GLY B 56 -15.59 -13.92 10.10
N VAL B 57 -16.11 -13.22 9.08
CA VAL B 57 -17.57 -13.04 8.92
C VAL B 57 -18.30 -14.34 8.51
N LYS B 58 -17.93 -14.91 7.35
CA LYS B 58 -18.53 -16.15 6.83
C LYS B 58 -17.71 -17.40 7.25
N LYS B 59 -18.06 -18.00 8.40
CA LYS B 59 -17.34 -19.16 8.97
C LYS B 59 -18.17 -20.44 8.91
N GLU B 60 -17.62 -21.45 8.21
CA GLU B 60 -18.30 -22.72 8.00
C GLU B 60 -17.34 -23.90 8.21
N GLN B 61 -17.84 -24.96 8.84
CA GLN B 61 -17.11 -26.22 8.77
C GLN B 61 -17.44 -27.01 7.49
N ILE B 62 -16.41 -27.45 6.77
CA ILE B 62 -16.55 -28.15 5.49
C ILE B 62 -15.83 -29.52 5.56
N ALA B 63 -16.61 -30.59 5.58
CA ALA B 63 -16.07 -31.94 5.73
C ALA B 63 -15.08 -32.23 4.60
N GLY B 64 -13.91 -32.76 4.94
CA GLY B 64 -12.93 -33.14 3.95
C GLY B 64 -11.94 -32.07 3.50
N LYS B 65 -12.18 -30.81 3.85
CA LYS B 65 -11.33 -29.70 3.40
C LYS B 65 -9.89 -29.78 3.93
N GLY B 66 -9.77 -30.14 5.21
CA GLY B 66 -8.50 -30.29 5.92
C GLY B 66 -7.54 -31.29 5.29
N VAL B 67 -8.03 -32.44 4.86
CA VAL B 67 -7.18 -33.44 4.22
C VAL B 67 -6.75 -32.97 2.83
N LEU B 68 -7.70 -32.46 2.04
CA LEU B 68 -7.37 -31.92 0.70
C LEU B 68 -6.25 -30.90 0.78
N ASN B 69 -6.41 -29.89 1.66
CA ASN B 69 -5.46 -28.82 1.84
C ASN B 69 -4.12 -29.41 2.29
N ASN B 70 -4.13 -30.28 3.31
CA ASN B 70 -2.94 -31.00 3.77
C ASN B 70 -2.25 -31.82 2.67
N GLN B 71 -3.08 -32.49 1.86
CA GLN B 71 -2.62 -33.18 0.64
C GLN B 71 -1.95 -32.29 -0.44
N ILE B 72 -2.67 -31.27 -0.89
CA ILE B 72 -2.18 -30.34 -1.88
C ILE B 72 -0.90 -29.64 -1.38
N SER B 73 -0.90 -29.25 -0.11
CA SER B 73 0.24 -28.53 0.45
C SER B 73 1.49 -29.39 0.63
N SER B 74 1.34 -30.54 1.29
CA SER B 74 2.34 -31.61 1.28
C SER B 74 2.95 -31.86 -0.10
N PHE B 75 2.08 -32.08 -1.11
CA PHE B 75 2.52 -32.23 -2.51
C PHE B 75 3.39 -31.10 -3.03
N ILE B 76 2.88 -29.86 -3.03
CA ILE B 76 3.63 -28.72 -3.59
C ILE B 76 4.94 -28.41 -2.89
N PHE B 77 4.92 -28.48 -1.56
CA PHE B 77 6.14 -28.32 -0.76
C PHE B 77 7.18 -29.35 -1.05
N GLU B 78 6.80 -30.63 -1.12
CA GLU B 78 7.71 -31.66 -1.61
C GLU B 78 8.32 -31.31 -2.98
N LYS B 79 7.51 -30.98 -3.99
CA LYS B 79 8.12 -30.52 -5.26
C LYS B 79 9.02 -29.28 -5.07
N LEU B 80 8.61 -28.34 -4.23
CA LEU B 80 9.47 -27.16 -3.96
C LEU B 80 10.78 -27.57 -3.37
N ASN B 81 10.74 -28.43 -2.35
CA ASN B 81 11.96 -28.97 -1.77
C ASN B 81 12.91 -29.60 -2.80
N VAL B 82 12.34 -30.40 -3.70
CA VAL B 82 13.15 -31.01 -4.76
C VAL B 82 13.76 -30.00 -5.76
N ALA B 83 13.02 -28.92 -6.03
CA ALA B 83 13.55 -27.82 -6.89
C ALA B 83 14.61 -26.96 -6.21
N GLY B 84 14.93 -27.25 -4.95
CA GLY B 84 15.93 -26.46 -4.21
C GLY B 84 15.41 -25.33 -3.32
N VAL B 85 14.11 -25.24 -3.11
CA VAL B 85 13.56 -24.15 -2.34
C VAL B 85 13.69 -24.59 -0.91
N ALA B 86 14.19 -23.70 -0.06
CA ALA B 86 14.32 -24.01 1.34
C ALA B 86 12.88 -23.79 1.87
N THR B 87 12.30 -24.82 2.50
CA THR B 87 10.94 -24.76 3.10
C THR B 87 10.85 -25.44 4.49
N HIS B 88 9.68 -25.36 5.11
CA HIS B 88 9.53 -25.94 6.46
C HIS B 88 9.07 -27.34 6.39
N PHE B 89 9.00 -27.91 5.20
CA PHE B 89 8.28 -29.21 5.08
C PHE B 89 9.19 -30.39 5.39
N VAL B 90 8.76 -31.29 6.26
CA VAL B 90 9.61 -32.46 6.48
C VAL B 90 8.94 -33.73 5.87
N GLU B 91 7.64 -33.95 6.15
CA GLU B 91 6.86 -35.11 5.73
C GLU B 91 5.39 -34.91 6.06
N LYS B 92 4.54 -35.38 5.16
CA LYS B 92 3.11 -35.53 5.44
C LYS B 92 3.02 -36.73 6.36
N LEU B 93 2.23 -36.61 7.41
CA LEU B 93 2.29 -37.58 8.49
C LEU B 93 0.97 -38.36 8.66
N SER B 94 -0.17 -37.72 8.41
CA SER B 94 -1.45 -38.42 8.33
C SER B 94 -2.30 -37.68 7.33
N ASP B 95 -3.61 -37.90 7.33
CA ASP B 95 -4.51 -37.22 6.37
C ASP B 95 -4.60 -35.76 6.68
N THR B 96 -4.47 -35.47 7.96
CA THR B 96 -4.70 -34.20 8.56
C THR B 96 -3.35 -33.56 8.92
N GLU B 97 -2.36 -34.35 9.23
CA GLU B 97 -1.23 -33.69 9.88
C GLU B 97 0.01 -33.67 9.00
N GLN B 98 0.86 -32.67 9.24
CA GLN B 98 2.18 -32.68 8.60
C GLN B 98 3.33 -32.23 9.53
N LEU B 99 4.50 -32.84 9.39
CA LEU B 99 5.63 -32.52 10.25
C LEU B 99 6.39 -31.34 9.65
N ASN B 100 6.43 -30.20 10.33
CA ASN B 100 7.12 -29.00 9.82
C ASN B 100 8.37 -28.53 10.61
N LYS B 101 9.28 -27.81 9.97
CA LYS B 101 10.30 -27.10 10.74
C LYS B 101 9.65 -25.88 11.42
N LYS B 102 9.97 -25.67 12.71
CA LYS B 102 9.46 -24.55 13.49
C LYS B 102 10.16 -23.27 13.09
N VAL B 103 9.39 -22.25 12.70
CA VAL B 103 10.02 -21.01 12.26
C VAL B 103 9.53 -19.93 13.18
N LYS B 104 10.23 -18.84 13.20
CA LYS B 104 9.68 -17.66 13.82
C LYS B 104 9.09 -16.91 12.61
N ILE B 105 7.76 -16.78 12.54
CA ILE B 105 7.09 -16.19 11.37
C ILE B 105 7.48 -14.72 11.15
N ILE B 106 7.77 -14.38 9.89
CA ILE B 106 7.85 -12.98 9.44
C ILE B 106 6.36 -12.53 9.22
N PRO B 107 5.81 -11.61 10.10
CA PRO B 107 4.39 -11.29 9.98
C PRO B 107 4.08 -10.47 8.69
N LEU B 108 4.39 -11.03 7.55
CA LEU B 108 4.06 -10.41 6.26
C LEU B 108 3.42 -11.52 5.44
N GLU B 109 2.31 -11.18 4.80
CA GLU B 109 1.75 -11.99 3.74
C GLU B 109 2.26 -11.37 2.50
N VAL B 110 3.08 -12.18 1.81
CA VAL B 110 3.69 -11.77 0.57
C VAL B 110 2.84 -12.26 -0.54
N VAL B 111 2.27 -11.32 -1.28
CA VAL B 111 1.32 -11.70 -2.30
C VAL B 111 1.98 -11.50 -3.65
N LEU B 112 1.92 -12.50 -4.53
CA LEU B 112 2.28 -12.30 -5.93
C LEU B 112 1.05 -12.47 -6.86
N ARG B 113 0.86 -11.51 -7.77
CA ARG B 113 -0.17 -11.63 -8.81
C ARG B 113 0.47 -11.88 -10.17
N ASN B 114 -0.03 -12.85 -10.92
CA ASN B 114 0.28 -12.94 -12.37
C ASN B 114 -0.76 -12.30 -13.27
N TYR B 115 -1.94 -12.06 -12.70
CA TYR B 115 -3.11 -11.74 -13.41
C TYR B 115 -3.84 -10.86 -12.46
N THR B 116 -4.69 -10.02 -13.00
CA THR B 116 -5.49 -9.14 -12.16
C THR B 116 -6.66 -9.94 -11.59
N ALA B 117 -7.03 -9.69 -10.33
CA ALA B 117 -8.18 -10.34 -9.64
C ALA B 117 -8.40 -9.67 -8.30
N GLY B 118 -9.60 -9.84 -7.75
CA GLY B 118 -9.87 -9.54 -6.33
C GLY B 118 -9.49 -8.11 -5.98
N SER B 119 -8.87 -7.92 -4.82
CA SER B 119 -8.57 -6.59 -4.32
C SER B 119 -7.60 -5.74 -5.18
N PHE B 120 -6.78 -6.35 -6.06
CA PHE B 120 -6.07 -5.57 -7.06
C PHE B 120 -7.08 -4.98 -8.06
N SER B 121 -7.90 -5.85 -8.63
CA SER B 121 -9.07 -5.42 -9.40
C SER B 121 -9.84 -4.30 -8.77
N LYS B 122 -10.11 -4.35 -7.46
CA LYS B 122 -10.77 -3.21 -6.77
C LYS B 122 -9.89 -1.97 -6.68
N ARG B 123 -8.69 -2.11 -6.14
CA ARG B 123 -7.81 -0.97 -6.01
C ARG B 123 -7.72 -0.21 -7.33
N PHE B 124 -7.59 -0.91 -8.45
CA PHE B 124 -7.44 -0.22 -9.73
C PHE B 124 -8.70 -0.18 -10.65
N GLY B 125 -9.89 -0.56 -10.13
CA GLY B 125 -11.13 -0.55 -10.92
C GLY B 125 -10.95 -1.15 -12.31
N VAL B 126 -10.29 -2.31 -12.37
CA VAL B 126 -9.92 -2.98 -13.61
C VAL B 126 -10.52 -4.38 -13.54
N ASP B 127 -10.86 -4.95 -14.70
CA ASP B 127 -11.44 -6.32 -14.71
C ASP B 127 -10.56 -7.42 -14.08
N GLU B 128 -11.20 -8.48 -13.55
CA GLU B 128 -10.44 -9.70 -13.22
C GLU B 128 -9.98 -10.45 -14.48
N GLY B 129 -8.80 -11.05 -14.41
CA GLY B 129 -8.24 -11.84 -15.54
C GLY B 129 -7.41 -11.16 -16.62
N ILE B 130 -6.79 -10.04 -16.35
CA ILE B 130 -5.87 -9.43 -17.31
C ILE B 130 -4.42 -9.81 -16.94
N ALA B 131 -3.61 -10.23 -17.92
CA ALA B 131 -2.27 -10.75 -17.65
C ALA B 131 -1.39 -9.59 -17.23
N LEU B 132 -0.42 -9.83 -16.34
CA LEU B 132 0.41 -8.74 -15.88
C LEU B 132 1.79 -8.92 -16.53
N GLU B 133 2.12 -8.06 -17.46
CA GLU B 133 3.43 -8.21 -18.09
C GLU B 133 4.59 -8.57 -17.14
N THR B 134 4.68 -7.91 -16.00
CA THR B 134 5.58 -8.33 -14.95
C THR B 134 4.76 -8.70 -13.72
N PRO B 135 5.04 -9.86 -13.13
CA PRO B 135 4.33 -10.18 -11.91
C PRO B 135 4.57 -9.06 -10.86
N ILE B 136 3.51 -8.71 -10.11
CA ILE B 136 3.54 -7.71 -9.03
C ILE B 136 3.61 -8.39 -7.65
N VAL B 137 4.55 -7.95 -6.80
CA VAL B 137 4.62 -8.39 -5.43
C VAL B 137 4.00 -7.34 -4.51
N GLU B 138 3.17 -7.77 -3.57
CA GLU B 138 2.63 -6.85 -2.54
C GLU B 138 2.74 -7.42 -1.13
N PHE B 139 3.17 -6.61 -0.17
CA PHE B 139 3.18 -6.98 1.26
C PHE B 139 1.87 -6.63 1.99
N TYR B 140 1.29 -7.56 2.74
CA TYR B 140 0.26 -7.19 3.71
C TYR B 140 0.80 -7.55 5.08
N TYR B 141 0.75 -6.63 6.01
CA TYR B 141 1.21 -6.89 7.35
C TYR B 141 0.26 -7.89 7.98
N LYS B 142 0.81 -8.99 8.49
CA LYS B 142 -0.04 -10.04 8.97
C LYS B 142 -0.45 -9.71 10.42
N ASN B 143 -1.56 -8.99 10.53
CA ASN B 143 -2.15 -8.58 11.80
C ASN B 143 -3.65 -8.53 11.64
N ASP B 144 -4.31 -9.51 12.25
CA ASP B 144 -5.74 -9.70 12.20
C ASP B 144 -6.52 -8.51 12.78
N ASP B 145 -5.94 -7.84 13.77
CA ASP B 145 -6.59 -6.74 14.48
C ASP B 145 -6.64 -5.50 13.56
N LEU B 146 -5.65 -5.39 12.67
CA LEU B 146 -5.58 -4.29 11.72
C LEU B 146 -6.16 -4.74 10.37
N ASP B 147 -6.76 -5.95 10.33
CA ASP B 147 -7.25 -6.52 9.08
C ASP B 147 -6.16 -6.57 7.96
N ASP B 148 -4.94 -6.96 8.33
CA ASP B 148 -3.88 -7.26 7.34
C ASP B 148 -3.81 -6.22 6.29
N PRO B 149 -3.51 -4.98 6.69
CA PRO B 149 -3.50 -3.91 5.72
C PRO B 149 -2.30 -4.08 4.76
N PHE B 150 -2.54 -3.68 3.51
CA PHE B 150 -1.51 -3.37 2.54
C PHE B 150 -0.45 -2.38 3.08
N ILE B 151 0.84 -2.68 2.86
CA ILE B 151 1.93 -1.82 3.32
C ILE B 151 3.02 -1.76 2.27
N ASN B 152 3.89 -0.74 2.34
CA ASN B 152 5.07 -0.62 1.44
C ASN B 152 6.33 -0.93 2.18
N ASP B 153 7.46 -0.90 1.48
CA ASP B 153 8.73 -1.34 2.03
C ASP B 153 9.16 -0.57 3.29
N GLU B 154 8.99 0.75 3.24
CA GLU B 154 9.28 1.63 4.37
C GLU B 154 8.44 1.35 5.56
N HIS B 155 7.18 0.92 5.32
CA HIS B 155 6.30 0.43 6.39
C HIS B 155 6.83 -0.85 6.98
N VAL B 156 7.37 -1.74 6.15
CA VAL B 156 7.96 -2.96 6.69
C VAL B 156 9.04 -2.58 7.71
N LYS B 157 9.84 -1.54 7.37
CA LYS B 157 10.96 -1.11 8.21
C LYS B 157 10.51 -0.41 9.48
N PHE B 158 9.48 0.41 9.36
CA PHE B 158 8.87 1.12 10.48
C PHE B 158 8.39 0.09 11.51
N LEU B 159 7.83 -1.00 10.98
CA LEU B 159 7.29 -2.11 11.76
C LEU B 159 8.40 -2.96 12.37
N GLN B 160 9.65 -2.76 11.90
CA GLN B 160 10.85 -3.54 12.33
C GLN B 160 10.70 -5.02 12.00
N ILE B 161 10.21 -5.33 10.81
CA ILE B 161 9.90 -6.71 10.45
C ILE B 161 11.14 -7.29 9.72
N ALA B 162 11.78 -6.42 8.93
CA ALA B 162 12.87 -6.82 8.03
C ALA B 162 13.53 -5.56 7.46
N GLY B 163 14.84 -5.60 7.26
CA GLY B 163 15.58 -4.49 6.64
C GLY B 163 15.67 -4.68 5.14
N ASP B 164 16.47 -3.85 4.47
CA ASP B 164 16.52 -3.82 2.99
C ASP B 164 16.97 -5.07 2.25
N GLN B 165 17.94 -5.79 2.80
CA GLN B 165 18.36 -7.05 2.17
C GLN B 165 17.30 -8.10 2.34
N GLN B 166 16.75 -8.24 3.53
CA GLN B 166 15.74 -9.27 3.75
C GLN B 166 14.47 -9.05 2.91
N ILE B 167 14.10 -7.77 2.75
CA ILE B 167 12.97 -7.36 1.90
C ILE B 167 13.17 -7.78 0.41
N ALA B 168 14.34 -7.51 -0.14
CA ALA B 168 14.61 -7.92 -1.50
C ALA B 168 14.72 -9.45 -1.61
N TYR B 169 15.17 -10.13 -0.55
CA TYR B 169 15.27 -11.58 -0.58
C TYR B 169 13.84 -12.14 -0.67
N LEU B 170 12.96 -11.64 0.18
CA LEU B 170 11.54 -12.05 0.13
C LEU B 170 10.91 -11.95 -1.26
N LYS B 171 11.15 -10.83 -1.94
CA LYS B 171 10.62 -10.58 -3.28
C LYS B 171 11.17 -11.58 -4.29
N GLU B 172 12.51 -11.72 -4.27
CA GLU B 172 13.26 -12.46 -5.23
C GLU B 172 12.93 -13.95 -5.12
N GLU B 173 12.69 -14.43 -3.88
CA GLU B 173 12.32 -15.86 -3.58
C GLU B 173 10.84 -16.18 -3.96
N THR B 174 9.94 -15.20 -3.74
CA THR B 174 8.52 -15.34 -4.09
C THR B 174 8.37 -15.44 -5.62
N ARG B 175 9.19 -14.66 -6.31
CA ARG B 175 9.26 -14.65 -7.75
C ARG B 175 9.75 -15.96 -8.35
N ARG B 176 10.74 -16.57 -7.69
CA ARG B 176 11.36 -17.82 -8.17
C ARG B 176 10.40 -18.94 -7.92
N ILE B 177 9.75 -18.87 -6.75
CA ILE B 177 8.73 -19.80 -6.38
C ILE B 177 7.62 -19.73 -7.43
N ASN B 178 7.21 -18.51 -7.80
CA ASN B 178 6.24 -18.27 -8.89
C ASN B 178 6.66 -18.92 -10.22
N GLU B 179 7.94 -18.75 -10.62
CA GLU B 179 8.49 -19.42 -11.82
C GLU B 179 8.30 -20.94 -11.94
N LEU B 180 8.42 -21.61 -10.78
CA LEU B 180 8.18 -23.04 -10.66
C LEU B 180 6.66 -23.26 -10.71
N LEU B 181 5.95 -22.67 -9.78
CA LEU B 181 4.51 -22.98 -9.57
C LEU B 181 3.65 -22.77 -10.82
N LYS B 182 3.95 -21.71 -11.55
CA LYS B 182 3.16 -21.31 -12.67
C LYS B 182 3.31 -22.38 -13.75
N VAL B 183 4.55 -22.86 -13.94
CA VAL B 183 4.89 -23.96 -14.86
C VAL B 183 4.17 -25.26 -14.48
N TRP B 184 4.22 -25.63 -13.20
CA TRP B 184 3.57 -26.85 -12.73
C TRP B 184 2.08 -26.91 -12.91
N PHE B 185 1.38 -25.82 -12.57
CA PHE B 185 -0.07 -25.75 -12.68
C PHE B 185 -0.43 -25.62 -14.14
N ALA B 186 0.47 -25.02 -14.92
CA ALA B 186 0.33 -24.98 -16.40
C ALA B 186 0.27 -26.40 -16.99
N GLU B 187 1.24 -27.23 -16.60
CA GLU B 187 1.32 -28.60 -17.09
C GLU B 187 0.02 -29.42 -16.88
N ILE B 188 -0.81 -28.99 -15.93
CA ILE B 188 -2.05 -29.67 -15.65
C ILE B 188 -3.27 -28.78 -15.92
N GLY B 189 -3.06 -27.73 -16.71
CA GLY B 189 -4.16 -26.90 -17.20
C GLY B 189 -4.75 -25.83 -16.29
N LEU B 190 -4.10 -25.49 -15.19
CA LEU B 190 -4.63 -24.36 -14.41
C LEU B 190 -3.73 -23.13 -14.55
N LYS B 191 -4.37 -22.00 -14.69
CA LYS B 191 -3.64 -20.76 -14.74
C LYS B 191 -3.41 -20.26 -13.31
N LEU B 192 -2.16 -20.01 -12.96
CA LEU B 192 -1.85 -19.46 -11.65
C LEU B 192 -1.97 -17.91 -11.65
N ILE B 193 -3.16 -17.44 -11.26
CA ILE B 193 -3.54 -16.04 -11.20
C ILE B 193 -2.73 -15.24 -10.16
N ASP B 194 -2.59 -15.81 -8.98
CA ASP B 194 -1.95 -15.11 -7.84
C ASP B 194 -1.82 -16.08 -6.66
N PHE B 195 -1.02 -15.67 -5.70
CA PHE B 195 -0.93 -16.39 -4.45
C PHE B 195 -0.29 -15.58 -3.33
N LYS B 196 -0.26 -16.21 -2.15
CA LYS B 196 0.18 -15.53 -0.94
C LYS B 196 1.06 -16.51 -0.24
N LEU B 197 2.20 -15.99 0.20
CA LEU B 197 3.16 -16.81 0.93
C LEU B 197 3.30 -16.38 2.39
N GLU B 198 3.81 -17.26 3.24
CA GLU B 198 4.51 -16.74 4.43
C GLU B 198 5.90 -17.32 4.60
N PHE B 199 6.84 -16.55 5.14
CA PHE B 199 8.19 -17.03 5.46
C PHE B 199 8.48 -16.84 6.93
N GLY B 200 9.58 -17.44 7.42
CA GLY B 200 9.95 -17.40 8.81
C GLY B 200 11.41 -17.71 9.02
N PHE B 201 11.94 -17.21 10.12
CA PHE B 201 13.31 -17.53 10.52
C PHE B 201 13.40 -18.96 11.13
N ASP B 202 14.30 -19.80 10.63
CA ASP B 202 14.46 -21.16 11.22
C ASP B 202 15.43 -21.12 12.39
N LYS B 203 15.72 -22.31 12.91
CA LYS B 203 16.44 -22.42 14.16
C LYS B 203 17.83 -21.83 14.00
N ASP B 204 18.32 -21.81 12.74
CA ASP B 204 19.65 -21.30 12.34
C ASP B 204 19.60 -19.89 11.79
N GLY B 205 18.44 -19.28 11.89
CA GLY B 205 18.24 -17.91 11.47
C GLY B 205 18.25 -17.69 9.97
N LYS B 206 17.98 -18.76 9.19
CA LYS B 206 17.78 -18.57 7.76
C LYS B 206 16.29 -18.39 7.44
N ILE B 207 16.01 -17.64 6.38
CA ILE B 207 14.61 -17.42 5.99
C ILE B 207 14.17 -18.63 5.17
N ILE B 208 13.02 -19.23 5.52
CA ILE B 208 12.48 -20.30 4.69
C ILE B 208 10.98 -20.07 4.48
N LEU B 209 10.42 -20.75 3.48
CA LEU B 209 9.04 -20.78 3.19
C LEU B 209 8.28 -21.69 4.15
N ALA B 210 7.15 -21.19 4.65
CA ALA B 210 6.46 -21.96 5.65
C ALA B 210 4.95 -21.84 5.42
N ASP B 211 4.14 -21.99 6.46
CA ASP B 211 2.71 -22.00 6.29
C ASP B 211 2.27 -23.11 5.32
N GLU B 212 1.48 -22.79 4.31
CA GLU B 212 0.71 -23.74 3.53
C GLU B 212 0.72 -23.26 2.08
N PHE B 213 0.73 -24.15 1.09
CA PHE B 213 0.30 -23.73 -0.25
C PHE B 213 -0.89 -24.60 -0.76
N SER B 214 -2.09 -24.01 -0.68
CA SER B 214 -3.29 -24.70 -1.10
C SER B 214 -4.20 -23.73 -1.81
N PRO B 215 -5.35 -24.24 -2.33
CA PRO B 215 -6.30 -23.32 -3.02
C PRO B 215 -6.87 -22.23 -2.11
N ASP B 216 -6.62 -22.34 -0.79
CA ASP B 216 -7.01 -21.29 0.20
C ASP B 216 -6.24 -19.98 0.00
N ASN B 217 -5.00 -20.10 -0.41
CA ASN B 217 -4.15 -18.92 -0.58
C ASN B 217 -3.53 -18.77 -1.99
N CYS B 218 -4.19 -19.34 -3.00
CA CYS B 218 -3.86 -19.04 -4.40
C CYS B 218 -5.15 -18.91 -5.18
N ARG B 219 -5.04 -18.30 -6.34
CA ARG B 219 -6.16 -18.34 -7.29
C ARG B 219 -5.77 -19.23 -8.44
N LEU B 220 -6.74 -20.09 -8.84
CA LEU B 220 -6.56 -21.10 -9.92
C LEU B 220 -7.78 -21.06 -10.87
N TRP B 221 -7.55 -20.64 -12.11
CA TRP B 221 -8.60 -20.71 -13.11
C TRP B 221 -8.29 -21.79 -14.11
N ASP B 222 -9.33 -22.48 -14.57
CA ASP B 222 -9.12 -23.38 -15.72
C ASP B 222 -9.31 -22.56 -16.98
N ALA B 223 -9.12 -23.20 -18.14
CA ALA B 223 -9.15 -22.50 -19.41
C ALA B 223 -10.52 -21.87 -19.67
N ASP B 224 -11.56 -22.38 -19.02
CA ASP B 224 -12.89 -21.75 -19.13
C ASP B 224 -13.13 -20.63 -18.09
N GLY B 225 -12.10 -20.28 -17.35
CA GLY B 225 -12.28 -19.19 -16.37
C GLY B 225 -12.96 -19.63 -15.09
N ASN B 226 -13.24 -20.94 -15.01
CA ASN B 226 -13.69 -21.59 -13.77
C ASN B 226 -12.74 -21.39 -12.59
N HIS B 227 -13.33 -21.13 -11.43
CA HIS B 227 -12.62 -20.90 -10.15
C HIS B 227 -12.30 -22.17 -9.43
N MET B 228 -11.02 -22.59 -9.51
CA MET B 228 -10.56 -23.85 -8.89
C MET B 228 -9.86 -23.54 -7.55
N ASP B 229 -10.59 -22.87 -6.65
CA ASP B 229 -9.99 -22.28 -5.46
C ASP B 229 -11.04 -21.79 -4.47
N LYS B 230 -10.54 -21.15 -3.40
CA LYS B 230 -11.38 -20.65 -2.31
C LYS B 230 -12.43 -19.60 -2.76
N ASP B 231 -12.23 -18.97 -3.94
CA ASP B 231 -13.26 -18.05 -4.52
C ASP B 231 -14.63 -18.73 -4.67
N VAL B 232 -14.63 -20.03 -4.95
CA VAL B 232 -15.84 -20.82 -4.98
C VAL B 232 -16.60 -20.69 -3.63
N PHE B 233 -15.88 -20.71 -2.51
CA PHE B 233 -16.49 -20.44 -1.20
C PHE B 233 -16.82 -18.96 -0.96
N ARG B 234 -15.84 -18.10 -1.25
CA ARG B 234 -15.98 -16.65 -1.05
C ARG B 234 -17.19 -16.10 -1.82
N ARG B 235 -17.25 -16.37 -3.12
CA ARG B 235 -18.28 -15.85 -4.01
C ARG B 235 -19.50 -16.78 -4.13
N GLY B 236 -19.47 -17.89 -3.38
CA GLY B 236 -20.54 -18.89 -3.44
C GLY B 236 -20.87 -19.39 -4.82
N LEU B 237 -19.90 -20.01 -5.51
CA LEU B 237 -20.04 -20.49 -6.89
C LEU B 237 -20.15 -22.00 -7.05
N GLY B 238 -20.03 -22.73 -5.94
CA GLY B 238 -20.09 -24.20 -5.97
C GLY B 238 -19.54 -24.77 -4.66
N GLU B 239 -19.72 -26.07 -4.45
CA GLU B 239 -19.19 -26.70 -3.24
C GLU B 239 -17.65 -26.79 -3.25
N LEU B 240 -17.03 -26.28 -2.19
CA LEU B 240 -15.58 -26.12 -2.09
C LEU B 240 -14.74 -27.41 -2.23
N THR B 241 -15.16 -28.49 -1.56
CA THR B 241 -14.38 -29.73 -1.60
C THR B 241 -14.43 -30.46 -2.96
N ASP B 242 -15.55 -30.35 -3.66
CA ASP B 242 -15.62 -30.68 -5.09
C ASP B 242 -14.51 -30.06 -5.93
N VAL B 243 -14.28 -28.75 -5.77
CA VAL B 243 -13.26 -28.14 -6.60
C VAL B 243 -11.83 -28.48 -6.18
N TYR B 244 -11.55 -28.45 -4.88
CA TYR B 244 -10.26 -28.81 -4.36
C TYR B 244 -9.98 -30.30 -4.69
N GLU B 245 -11.00 -31.14 -4.74
CA GLU B 245 -10.76 -32.54 -5.11
C GLU B 245 -10.26 -32.60 -6.54
N ILE B 246 -10.84 -31.75 -7.39
CA ILE B 246 -10.39 -31.65 -8.77
C ILE B 246 -8.90 -31.23 -8.89
N VAL B 247 -8.51 -30.17 -8.17
CA VAL B 247 -7.07 -29.78 -8.14
C VAL B 247 -6.14 -30.92 -7.64
N TRP B 248 -6.56 -31.63 -6.61
CA TRP B 248 -5.79 -32.76 -6.11
C TRP B 248 -5.61 -33.86 -7.15
N GLU B 249 -6.71 -34.19 -7.82
CA GLU B 249 -6.70 -35.17 -8.91
C GLU B 249 -5.72 -34.78 -10.01
N LYS B 250 -5.73 -33.49 -10.39
CA LYS B 250 -4.80 -33.02 -11.40
C LYS B 250 -3.33 -32.96 -10.98
N LEU B 251 -3.07 -32.52 -9.74
CA LEU B 251 -1.69 -32.48 -9.20
C LEU B 251 -1.00 -33.84 -9.24
N GLN B 252 -1.74 -34.89 -8.95
CA GLN B 252 -1.14 -36.24 -9.04
C GLN B 252 -0.67 -36.67 -10.43
N GLU B 253 -1.05 -35.92 -11.47
CA GLU B 253 -0.57 -36.23 -12.81
C GLU B 253 0.79 -35.57 -13.20
N LEU B 254 1.31 -34.70 -12.33
CA LEU B 254 2.69 -34.25 -12.47
C LEU B 254 3.62 -35.31 -11.89
N LYS B 255 3.10 -36.04 -10.89
CA LYS B 255 3.68 -37.30 -10.43
C LYS B 255 3.79 -38.29 -11.59
#